data_3HQL
#
_entry.id   3HQL
#
_cell.length_a   90.795
_cell.length_b   43.690
_cell.length_c   86.819
_cell.angle_alpha   90.00
_cell.angle_beta   107.03
_cell.angle_gamma   90.00
#
_symmetry.space_group_name_H-M   'C 1 2 1'
#
loop_
_entity.id
_entity.type
_entity.pdbx_description
1 polymer 'Speckle-type POZ protein'
2 polymer Puckered
3 non-polymer 'SULFATE ION'
4 water water
#
loop_
_entity_poly.entity_id
_entity_poly.type
_entity_poly.pdbx_seq_one_letter_code
_entity_poly.pdbx_strand_id
1 'polypeptide(L)'
;GSGGSGKVVKFSYMWTINNFSFCREEMGEVIKSSTFSSGANDKLKWCLRVNPKGLDEESKDYLSLYLLLVSCPKSEVRAK
FKFSILNAKGEETKAMESQRAYRFVQGKDWGFKKFIRRGFLLDEANGLLPDDKLTLFCEVSVVQD
;
A,B
2 'polypeptide(L)' ENLACDEVTSTTSSST C,D
#
# COMPACT_ATOMS: atom_id res chain seq x y z
N LYS A 7 12.50 -9.95 -9.19
CA LYS A 7 11.92 -10.31 -10.52
C LYS A 7 10.65 -11.13 -10.42
N VAL A 8 10.79 -12.39 -10.03
CA VAL A 8 9.62 -13.24 -9.76
C VAL A 8 9.77 -13.73 -8.33
N VAL A 9 8.70 -13.63 -7.55
CA VAL A 9 8.74 -14.18 -6.17
C VAL A 9 7.51 -15.04 -5.97
N LYS A 10 7.70 -16.31 -5.60
CA LYS A 10 6.62 -17.21 -5.40
C LYS A 10 6.76 -17.83 -4.01
N PHE A 11 5.64 -17.90 -3.29
CA PHE A 11 5.65 -18.39 -1.92
C PHE A 11 4.27 -18.94 -1.56
N SER A 12 4.20 -19.56 -0.39
CA SER A 12 2.98 -20.24 0.00
C SER A 12 2.77 -20.16 1.49
N TYR A 13 1.56 -20.50 1.91
CA TYR A 13 1.20 -20.55 3.31
C TYR A 13 0.16 -21.63 3.48
N MET A 14 0.36 -22.48 4.50
CA MET A 14 -0.65 -23.47 4.88
C MET A 14 -1.33 -23.01 6.17
N TRP A 15 -2.65 -22.90 6.08
CA TRP A 15 -3.48 -22.49 7.23
C TRP A 15 -4.37 -23.63 7.73
N THR A 16 -4.14 -24.09 8.96
CA THR A 16 -4.99 -25.14 9.54
C THR A 16 -5.95 -24.49 10.51
N ILE A 17 -7.23 -24.67 10.26
CA ILE A 17 -8.27 -24.14 11.15
C ILE A 17 -8.84 -25.32 11.91
N ASN A 18 -8.56 -25.38 13.22
CA ASN A 18 -8.96 -26.50 14.08
C ASN A 18 -10.43 -26.41 14.49
N ASN A 19 -11.04 -27.54 14.77
CA ASN A 19 -12.43 -27.60 15.25
C ASN A 19 -13.36 -26.84 14.31
N PHE A 20 -13.19 -27.03 13.00
CA PHE A 20 -13.93 -26.23 12.04
C PHE A 20 -15.46 -26.33 12.19
N SER A 21 -15.96 -27.53 12.49
CA SER A 21 -17.39 -27.75 12.59
C SER A 21 -17.99 -26.89 13.72
N PHE A 22 -17.15 -26.46 14.66
CA PHE A 22 -17.62 -25.72 15.82
C PHE A 22 -17.71 -24.21 15.60
N CYS A 23 -17.18 -23.73 14.48
CA CYS A 23 -17.21 -22.29 14.15
C CYS A 23 -18.59 -21.69 14.36
N ARG A 24 -18.66 -20.64 15.17
CA ARG A 24 -19.92 -19.94 15.39
C ARG A 24 -20.08 -18.66 14.57
N GLU A 25 -19.15 -18.40 13.65
CA GLU A 25 -19.22 -17.19 12.82
C GLU A 25 -20.55 -17.16 12.08
N GLU A 26 -21.28 -16.06 12.16
CA GLU A 26 -22.50 -15.95 11.36
C GLU A 26 -22.13 -15.28 10.04
N MET A 27 -23.11 -15.17 9.15
CA MET A 27 -22.88 -14.50 7.87
C MET A 27 -22.17 -13.16 8.10
N GLY A 28 -21.08 -12.92 7.37
CA GLY A 28 -20.38 -11.65 7.45
C GLY A 28 -19.23 -11.61 8.47
N GLU A 29 -19.20 -12.58 9.38
CA GLU A 29 -18.13 -12.65 10.37
C GLU A 29 -16.91 -13.35 9.80
N VAL A 30 -15.75 -12.90 10.25
CA VAL A 30 -14.48 -13.29 9.62
C VAL A 30 -13.51 -13.94 10.62
N ILE A 31 -12.73 -14.89 10.12
CA ILE A 31 -11.56 -15.37 10.86
C ILE A 31 -10.34 -15.00 10.01
N LYS A 32 -9.34 -14.36 10.62
N LYS A 32 -9.35 -14.36 10.61
CA LYS A 32 -8.09 -14.02 9.93
CA LYS A 32 -8.10 -14.11 9.90
C LYS A 32 -6.96 -14.95 10.39
C LYS A 32 -7.05 -15.11 10.35
N SER A 33 -6.09 -15.36 9.46
CA SER A 33 -4.92 -16.17 9.78
C SER A 33 -3.83 -15.29 10.35
N SER A 34 -2.77 -15.94 10.84
CA SER A 34 -1.53 -15.25 11.15
C SER A 34 -0.94 -14.65 9.86
N THR A 35 -0.10 -13.63 10.01
CA THR A 35 0.52 -13.02 8.84
C THR A 35 1.68 -13.88 8.34
N PHE A 36 1.97 -13.77 7.05
CA PHE A 36 3.06 -14.51 6.46
C PHE A 36 3.73 -13.69 5.38
N SER A 37 4.89 -14.15 4.93
CA SER A 37 5.64 -13.44 3.90
C SER A 37 6.42 -14.42 3.05
N SER A 38 7.22 -13.89 2.12
CA SER A 38 8.05 -14.76 1.31
C SER A 38 9.34 -15.10 2.00
N ASP A 42 11.47 -8.41 5.72
CA ASP A 42 10.29 -8.93 5.02
C ASP A 42 9.84 -7.93 3.97
N LYS A 43 9.34 -6.80 4.44
CA LYS A 43 8.78 -5.82 3.54
C LYS A 43 7.31 -6.10 3.57
N LEU A 44 6.87 -7.11 2.81
CA LEU A 44 5.45 -7.35 2.65
C LEU A 44 4.93 -8.35 3.65
N LYS A 45 3.74 -8.11 4.19
CA LYS A 45 3.10 -9.07 5.08
C LYS A 45 1.69 -9.33 4.57
N TRP A 46 1.30 -10.61 4.53
CA TRP A 46 0.00 -11.02 3.98
C TRP A 46 -0.76 -11.80 5.04
N CYS A 47 -2.08 -11.90 4.90
CA CYS A 47 -2.80 -12.90 5.69
C CYS A 47 -3.98 -13.40 4.88
N LEU A 48 -4.57 -14.50 5.34
CA LEU A 48 -5.79 -15.05 4.73
C LEU A 48 -6.96 -14.70 5.62
N ARG A 49 -8.14 -14.67 5.05
CA ARG A 49 -9.31 -14.32 5.79
C ARG A 49 -10.45 -15.17 5.25
N VAL A 50 -11.18 -15.82 6.13
CA VAL A 50 -12.29 -16.66 5.68
C VAL A 50 -13.56 -16.25 6.39
N ASN A 51 -14.68 -16.29 5.66
CA ASN A 51 -16.00 -16.12 6.24
C ASN A 51 -16.68 -17.50 6.19
N PRO A 52 -16.72 -18.23 7.32
CA PRO A 52 -17.30 -19.58 7.31
C PRO A 52 -18.75 -19.64 6.82
N LYS A 53 -19.49 -18.56 7.02
CA LYS A 53 -20.88 -18.49 6.56
C LYS A 53 -21.10 -17.40 5.53
N GLY A 54 -20.07 -17.16 4.72
CA GLY A 54 -20.15 -16.26 3.60
C GLY A 54 -20.04 -14.79 3.94
N LEU A 55 -19.82 -14.00 2.90
CA LEU A 55 -19.66 -12.56 3.03
C LEU A 55 -21.00 -11.85 3.15
N ASP A 56 -22.01 -12.39 2.46
CA ASP A 56 -23.31 -11.74 2.33
C ASP A 56 -24.44 -12.74 2.01
N GLU A 57 -25.66 -12.26 1.82
CA GLU A 57 -26.80 -13.14 1.53
C GLU A 57 -26.61 -14.05 0.31
N GLU A 58 -26.02 -13.51 -0.75
CA GLU A 58 -25.73 -14.28 -1.96
C GLU A 58 -24.76 -15.45 -1.74
N SER A 59 -23.86 -15.30 -0.76
CA SER A 59 -22.84 -16.30 -0.52
C SER A 59 -23.03 -17.05 0.82
N LYS A 60 -24.25 -16.98 1.39
CA LYS A 60 -24.53 -17.58 2.69
C LYS A 60 -24.29 -19.08 2.74
N ASP A 61 -24.37 -19.71 1.58
CA ASP A 61 -24.19 -21.16 1.49
C ASP A 61 -22.74 -21.57 1.24
N TYR A 62 -21.84 -20.59 1.31
CA TYR A 62 -20.40 -20.82 0.93
C TYR A 62 -19.45 -20.31 1.99
N LEU A 63 -18.24 -20.87 2.01
CA LEU A 63 -17.09 -20.21 2.62
C LEU A 63 -16.56 -19.19 1.63
N SER A 64 -16.31 -17.97 2.09
CA SER A 64 -15.64 -16.93 1.29
C SER A 64 -14.18 -16.87 1.75
N LEU A 65 -13.23 -16.81 0.82
CA LEU A 65 -11.81 -16.87 1.17
C LEU A 65 -11.06 -15.80 0.40
N TYR A 66 -10.30 -14.96 1.11
CA TYR A 66 -9.56 -13.86 0.48
C TYR A 66 -8.11 -13.80 0.95
N LEU A 67 -7.27 -13.23 0.08
CA LEU A 67 -5.88 -12.92 0.42
C LEU A 67 -5.84 -11.43 0.69
N LEU A 68 -5.27 -11.06 1.83
CA LEU A 68 -5.16 -9.65 2.23
C LEU A 68 -3.70 -9.19 2.32
N LEU A 69 -3.41 -8.02 1.72
CA LEU A 69 -2.06 -7.44 1.88
C LEU A 69 -2.13 -6.57 3.11
N VAL A 70 -1.46 -6.99 4.17
CA VAL A 70 -1.53 -6.34 5.47
C VAL A 70 -0.57 -5.16 5.54
N SER A 71 0.65 -5.37 5.07
CA SER A 71 1.74 -4.37 5.15
C SER A 71 2.50 -4.35 3.88
N CYS A 72 2.81 -3.16 3.39
CA CYS A 72 3.37 -3.05 2.05
C CYS A 72 4.16 -1.76 1.99
N PRO A 73 5.46 -1.83 1.70
CA PRO A 73 6.32 -0.66 1.59
C PRO A 73 6.06 0.19 0.35
N LYS A 74 5.71 -0.45 -0.78
CA LYS A 74 5.41 0.27 -2.02
C LYS A 74 3.99 0.82 -2.11
N SER A 75 3.73 1.62 -3.13
CA SER A 75 2.37 2.10 -3.43
C SER A 75 1.43 0.94 -3.72
N GLU A 76 1.93 -0.05 -4.44
CA GLU A 76 1.10 -1.14 -4.88
C GLU A 76 1.97 -2.33 -5.16
N VAL A 77 1.34 -3.50 -5.17
CA VAL A 77 2.02 -4.71 -5.62
C VAL A 77 1.02 -5.51 -6.46
N ARG A 78 1.51 -6.20 -7.48
N ARG A 78 1.50 -6.19 -7.51
CA ARG A 78 0.67 -7.06 -8.29
CA ARG A 78 0.63 -7.05 -8.34
C ARG A 78 0.98 -8.50 -7.95
C ARG A 78 0.95 -8.52 -8.14
N ALA A 79 -0.08 -9.29 -7.74
CA ALA A 79 0.10 -10.69 -7.37
C ALA A 79 -0.99 -11.56 -7.94
N LYS A 80 -0.59 -12.73 -8.41
CA LYS A 80 -1.50 -13.83 -8.74
C LYS A 80 -1.56 -14.75 -7.52
N PHE A 81 -2.70 -15.42 -7.36
CA PHE A 81 -2.82 -16.32 -6.22
C PHE A 81 -3.69 -17.55 -6.58
N LYS A 82 -3.52 -18.59 -5.78
CA LYS A 82 -4.30 -19.82 -5.93
C LYS A 82 -4.57 -20.34 -4.52
N PHE A 83 -5.81 -20.73 -4.26
CA PHE A 83 -6.14 -21.33 -2.96
C PHE A 83 -6.62 -22.75 -3.21
N SER A 84 -6.29 -23.67 -2.30
CA SER A 84 -6.81 -25.01 -2.38
C SER A 84 -7.05 -25.59 -1.00
N ILE A 85 -7.70 -26.74 -0.96
CA ILE A 85 -7.94 -27.43 0.29
C ILE A 85 -7.10 -28.67 0.28
N LEU A 86 -6.39 -28.95 1.37
CA LEU A 86 -5.62 -30.18 1.44
C LEU A 86 -6.42 -31.32 2.03
N ASN A 87 -6.32 -32.50 1.42
CA ASN A 87 -6.99 -33.67 1.98
C ASN A 87 -6.09 -34.34 3.03
N ALA A 88 -6.50 -35.49 3.56
CA ALA A 88 -5.73 -36.18 4.62
C ALA A 88 -4.32 -36.60 4.18
N LYS A 89 -4.12 -36.69 2.86
CA LYS A 89 -2.85 -37.11 2.28
C LYS A 89 -1.98 -35.91 1.93
N GLY A 90 -2.47 -34.70 2.20
CA GLY A 90 -1.74 -33.50 1.82
C GLY A 90 -1.90 -33.08 0.37
N GLU A 91 -2.77 -33.79 -0.36
CA GLU A 91 -3.03 -33.49 -1.77
C GLU A 91 -3.94 -32.28 -1.89
N GLU A 92 -3.66 -31.43 -2.86
CA GLU A 92 -4.50 -30.25 -3.11
C GLU A 92 -5.75 -30.69 -3.85
N THR A 93 -6.88 -30.14 -3.42
CA THR A 93 -8.15 -30.41 -4.09
C THR A 93 -8.93 -29.10 -4.11
N LYS A 94 -9.92 -29.02 -5.00
CA LYS A 94 -10.85 -27.90 -5.02
C LYS A 94 -10.16 -26.52 -5.17
N ALA A 95 -9.18 -26.45 -6.06
CA ALA A 95 -8.39 -25.22 -6.14
C ALA A 95 -9.13 -24.18 -6.96
N MET A 96 -8.95 -22.92 -6.57
CA MET A 96 -9.37 -21.80 -7.43
C MET A 96 -8.18 -20.86 -7.61
N GLU A 97 -8.03 -20.32 -8.80
CA GLU A 97 -6.86 -19.51 -9.07
C GLU A 97 -7.28 -18.21 -9.72
N SER A 98 -6.52 -17.15 -9.46
CA SER A 98 -6.77 -15.87 -10.09
C SER A 98 -6.35 -16.02 -11.56
N GLN A 99 -7.09 -15.44 -12.48
CA GLN A 99 -6.71 -15.73 -13.90
C GLN A 99 -5.60 -14.81 -14.42
N ARG A 100 -5.32 -13.79 -13.61
CA ARG A 100 -4.32 -12.80 -13.86
C ARG A 100 -3.85 -12.27 -12.49
N ALA A 101 -2.84 -11.41 -12.53
CA ALA A 101 -2.42 -10.69 -11.32
C ALA A 101 -3.40 -9.59 -10.99
N TYR A 102 -3.61 -9.41 -9.70
CA TYR A 102 -4.45 -8.36 -9.16
C TYR A 102 -3.63 -7.31 -8.41
N ARG A 103 -4.12 -6.08 -8.44
CA ARG A 103 -3.43 -4.95 -7.78
C ARG A 103 -3.85 -4.84 -6.32
N PHE A 104 -2.88 -5.11 -5.44
CA PHE A 104 -3.03 -4.93 -4.00
C PHE A 104 -2.36 -3.62 -3.55
N VAL A 105 -3.00 -2.96 -2.60
CA VAL A 105 -2.38 -1.89 -1.84
C VAL A 105 -2.50 -2.33 -0.39
N GLN A 106 -1.80 -1.68 0.52
CA GLN A 106 -1.91 -2.04 1.93
C GLN A 106 -3.39 -1.99 2.34
N GLY A 107 -3.89 -3.12 2.87
CA GLY A 107 -5.27 -3.23 3.35
C GLY A 107 -6.29 -3.70 2.32
N LYS A 108 -5.82 -4.10 1.14
CA LYS A 108 -6.70 -4.53 0.06
C LYS A 108 -6.71 -6.05 0.03
N ASP A 109 -7.89 -6.62 -0.17
CA ASP A 109 -7.99 -8.05 -0.42
C ASP A 109 -8.57 -8.38 -1.80
N TRP A 110 -8.32 -9.63 -2.21
CA TRP A 110 -8.88 -10.20 -3.42
C TRP A 110 -9.06 -11.66 -3.14
N GLY A 111 -10.11 -12.25 -3.71
CA GLY A 111 -10.34 -13.69 -3.47
C GLY A 111 -11.66 -14.16 -4.01
N PHE A 112 -12.22 -15.18 -3.37
CA PHE A 112 -13.38 -15.88 -3.91
C PHE A 112 -14.52 -15.87 -2.91
N LYS A 113 -15.59 -15.18 -3.27
CA LYS A 113 -16.75 -15.07 -2.40
C LYS A 113 -17.44 -16.44 -2.22
N LYS A 114 -17.37 -17.26 -3.26
CA LYS A 114 -18.04 -18.55 -3.25
C LYS A 114 -16.98 -19.64 -3.47
N PHE A 115 -16.07 -19.76 -2.49
CA PHE A 115 -14.95 -20.65 -2.64
C PHE A 115 -15.33 -22.13 -2.59
N ILE A 116 -16.17 -22.50 -1.63
CA ILE A 116 -16.59 -23.92 -1.51
C ILE A 116 -17.93 -23.96 -0.76
N ARG A 117 -18.81 -24.86 -1.18
CA ARG A 117 -20.13 -25.01 -0.60
C ARG A 117 -20.02 -25.56 0.80
N ARG A 118 -20.65 -24.89 1.77
CA ARG A 118 -20.66 -25.42 3.16
C ARG A 118 -21.23 -26.84 3.23
N GLY A 119 -22.28 -27.12 2.47
CA GLY A 119 -22.96 -28.41 2.54
C GLY A 119 -22.10 -29.57 2.00
N PHE A 120 -21.09 -29.22 1.20
CA PHE A 120 -20.09 -30.18 0.74
C PHE A 120 -18.97 -30.34 1.79
N LEU A 121 -18.42 -29.21 2.22
CA LEU A 121 -17.25 -29.24 3.09
C LEU A 121 -17.57 -29.88 4.43
N LEU A 122 -18.74 -29.60 4.99
CA LEU A 122 -19.06 -30.06 6.34
C LEU A 122 -19.49 -31.52 6.43
N ASP A 123 -19.69 -32.16 5.28
CA ASP A 123 -20.03 -33.59 5.30
C ASP A 123 -18.72 -34.36 5.36
N GLU A 124 -18.41 -34.94 6.53
CA GLU A 124 -17.09 -35.50 6.77
C GLU A 124 -16.69 -36.65 5.86
N ALA A 125 -17.70 -37.35 5.31
CA ALA A 125 -17.48 -38.43 4.33
C ALA A 125 -16.74 -37.98 3.07
N ASN A 126 -16.84 -36.69 2.73
CA ASN A 126 -16.11 -36.12 1.60
C ASN A 126 -14.61 -35.97 1.86
N GLY A 127 -14.21 -36.18 3.12
CA GLY A 127 -12.81 -36.26 3.50
C GLY A 127 -12.01 -34.96 3.52
N LEU A 128 -12.68 -33.84 3.71
CA LEU A 128 -11.94 -32.58 3.73
C LEU A 128 -11.81 -31.97 5.13
N LEU A 129 -12.37 -32.64 6.14
CA LEU A 129 -12.20 -32.20 7.54
C LEU A 129 -11.67 -33.33 8.44
N PRO A 130 -10.50 -33.88 8.10
CA PRO A 130 -9.99 -34.98 8.93
C PRO A 130 -9.68 -34.47 10.35
N ASP A 131 -10.20 -35.20 11.35
CA ASP A 131 -10.10 -34.79 12.76
C ASP A 131 -10.67 -33.38 12.99
N ASP A 132 -11.65 -33.00 12.17
CA ASP A 132 -12.36 -31.72 12.27
C ASP A 132 -11.45 -30.53 11.97
N LYS A 133 -10.41 -30.74 11.18
CA LYS A 133 -9.51 -29.64 10.82
C LYS A 133 -9.66 -29.32 9.35
N LEU A 134 -9.76 -28.02 9.04
CA LEU A 134 -9.77 -27.56 7.66
C LEU A 134 -8.38 -27.06 7.35
N THR A 135 -7.74 -27.59 6.31
CA THR A 135 -6.40 -27.14 5.96
C THR A 135 -6.46 -26.49 4.61
N LEU A 136 -6.19 -25.19 4.59
CA LEU A 136 -6.18 -24.40 3.35
C LEU A 136 -4.72 -24.19 2.94
N PHE A 137 -4.48 -24.09 1.64
CA PHE A 137 -3.13 -23.87 1.14
C PHE A 137 -3.22 -22.73 0.13
N CYS A 138 -2.35 -21.71 0.29
CA CYS A 138 -2.40 -20.53 -0.58
C CYS A 138 -1.01 -20.41 -1.22
N GLU A 139 -0.98 -20.17 -2.55
CA GLU A 139 0.28 -19.96 -3.27
C GLU A 139 0.13 -18.60 -3.93
N VAL A 140 1.17 -17.78 -3.77
CA VAL A 140 1.14 -16.40 -4.26
C VAL A 140 2.35 -16.15 -5.14
N SER A 141 2.18 -15.46 -6.26
CA SER A 141 3.31 -15.09 -7.08
CA SER A 141 3.31 -15.09 -7.11
C SER A 141 3.27 -13.60 -7.36
N VAL A 142 4.34 -12.93 -7.02
CA VAL A 142 4.49 -11.50 -7.31
C VAL A 142 5.51 -11.35 -8.43
N VAL A 143 5.11 -10.74 -9.55
CA VAL A 143 6.04 -10.39 -10.62
C VAL A 143 6.09 -8.88 -10.82
N LYS B 7 -8.14 14.83 16.81
CA LYS B 7 -8.23 13.54 16.06
C LYS B 7 -7.98 13.70 14.56
N VAL B 8 -8.37 14.84 13.97
CA VAL B 8 -7.92 15.14 12.60
C VAL B 8 -7.22 16.49 12.56
N VAL B 9 -6.02 16.52 12.00
CA VAL B 9 -5.27 17.81 11.88
C VAL B 9 -4.72 17.99 10.48
N LYS B 10 -5.16 19.05 9.81
CA LYS B 10 -4.72 19.37 8.47
C LYS B 10 -4.08 20.76 8.40
N PHE B 11 -2.93 20.80 7.71
CA PHE B 11 -2.15 22.02 7.63
C PHE B 11 -1.33 22.06 6.36
N SER B 12 -0.77 23.24 6.09
CA SER B 12 -0.04 23.42 4.85
C SER B 12 1.17 24.31 5.03
N TYR B 13 2.06 24.27 4.05
CA TYR B 13 3.24 25.15 4.01
C TYR B 13 3.52 25.50 2.57
N MET B 14 3.78 26.78 2.31
CA MET B 14 4.24 27.24 0.99
C MET B 14 5.72 27.56 1.07
N TRP B 15 6.49 26.89 0.23
CA TRP B 15 7.93 27.10 0.15
C TRP B 15 8.33 27.77 -1.17
N THR B 16 8.88 28.98 -1.09
CA THR B 16 9.35 29.66 -2.30
C THR B 16 10.87 29.57 -2.33
N ILE B 17 11.38 28.98 -3.40
CA ILE B 17 12.83 28.83 -3.59
C ILE B 17 13.21 29.85 -4.65
N ASN B 18 13.94 30.87 -4.24
CA ASN B 18 14.30 31.98 -5.13
C ASN B 18 15.49 31.62 -6.02
N ASN B 19 15.59 32.27 -7.18
CA ASN B 19 16.72 32.05 -8.09
C ASN B 19 16.92 30.58 -8.42
N PHE B 20 15.83 29.87 -8.69
CA PHE B 20 15.91 28.42 -8.84
C PHE B 20 16.88 27.95 -9.95
N SER B 21 16.92 28.69 -11.06
CA SER B 21 17.75 28.32 -12.19
C SER B 21 19.23 28.36 -11.83
N PHE B 22 19.58 29.06 -10.76
CA PHE B 22 20.97 29.24 -10.37
C PHE B 22 21.47 28.14 -9.42
N CYS B 23 20.57 27.28 -8.96
CA CYS B 23 20.92 26.17 -8.04
C CYS B 23 22.11 25.40 -8.55
N ARG B 24 23.15 25.29 -7.73
CA ARG B 24 24.33 24.52 -8.09
C ARG B 24 24.38 23.12 -7.47
N GLU B 25 23.31 22.70 -6.79
CA GLU B 25 23.25 21.37 -6.18
C GLU B 25 23.48 20.30 -7.24
N GLU B 26 24.44 19.43 -7.00
CA GLU B 26 24.62 18.30 -7.91
C GLU B 26 23.77 17.13 -7.42
N MET B 27 23.75 16.05 -8.20
CA MET B 27 23.01 14.86 -7.81
C MET B 27 23.30 14.49 -6.34
N GLY B 28 22.24 14.29 -5.56
CA GLY B 28 22.41 13.88 -4.17
C GLY B 28 22.45 15.04 -3.19
N GLU B 29 22.69 16.25 -3.67
CA GLU B 29 22.73 17.40 -2.76
C GLU B 29 21.33 17.93 -2.49
N VAL B 30 21.13 18.43 -1.27
CA VAL B 30 19.78 18.75 -0.79
C VAL B 30 19.66 20.21 -0.34
N ILE B 31 18.47 20.77 -0.55
CA ILE B 31 18.09 22.05 0.06
C ILE B 31 16.92 21.75 1.03
N LYS B 32 17.02 22.20 2.27
CA LYS B 32 15.90 21.99 3.20
C LYS B 32 15.19 23.33 3.42
N SER B 33 13.87 23.26 3.65
CA SER B 33 13.07 24.41 4.01
C SER B 33 13.24 24.75 5.46
N SER B 34 12.70 25.92 5.85
CA SER B 34 12.49 26.24 7.24
C SER B 34 11.48 25.23 7.82
N THR B 35 11.51 25.04 9.13
CA THR B 35 10.54 24.14 9.76
C THR B 35 9.17 24.79 9.87
N PHE B 36 8.13 23.95 9.90
CA PHE B 36 6.77 24.44 10.06
C PHE B 36 5.96 23.44 10.90
N SER B 37 4.77 23.87 11.33
CA SER B 37 3.93 23.02 12.17
C SER B 37 2.46 23.32 11.90
N SER B 38 1.57 22.67 12.63
CA SER B 38 0.14 22.96 12.47
C SER B 38 -0.26 24.18 13.28
N LYS B 43 3.38 20.31 18.98
CA LYS B 43 4.76 20.03 19.40
C LYS B 43 5.57 19.36 18.26
N LEU B 44 4.93 19.14 17.12
CA LEU B 44 5.62 18.51 16.00
C LEU B 44 6.23 19.57 15.12
N LYS B 45 7.38 19.26 14.53
CA LYS B 45 8.01 20.20 13.59
C LYS B 45 8.36 19.43 12.34
N TRP B 46 8.04 20.00 11.17
CA TRP B 46 8.24 19.34 9.88
C TRP B 46 9.12 20.23 9.02
N CYS B 47 9.75 19.65 8.01
CA CYS B 47 10.33 20.49 6.97
C CYS B 47 10.27 19.77 5.62
N LEU B 48 10.50 20.53 4.55
CA LEU B 48 10.58 19.94 3.21
C LEU B 48 12.03 19.86 2.78
N ARG B 49 12.37 18.89 1.93
CA ARG B 49 13.73 18.79 1.41
C ARG B 49 13.60 18.52 -0.08
N VAL B 50 14.39 19.23 -0.87
CA VAL B 50 14.37 18.98 -2.32
C VAL B 50 15.78 18.70 -2.80
N ASN B 51 15.90 17.75 -3.72
CA ASN B 51 17.16 17.50 -4.42
C ASN B 51 16.95 18.02 -5.85
N PRO B 52 17.49 19.20 -6.18
CA PRO B 52 17.29 19.80 -7.51
C PRO B 52 17.75 18.92 -8.66
N LYS B 53 18.76 18.10 -8.41
CA LYS B 53 19.28 17.16 -9.42
C LYS B 53 19.13 15.70 -9.00
N GLY B 54 18.05 15.42 -8.28
CA GLY B 54 17.68 14.08 -7.92
C GLY B 54 18.45 13.47 -6.77
N LEU B 55 17.90 12.38 -6.25
CA LEU B 55 18.50 11.66 -5.13
C LEU B 55 19.67 10.81 -5.59
N ASP B 56 19.54 10.23 -6.78
CA ASP B 56 20.50 9.25 -7.30
C ASP B 56 20.50 9.17 -8.83
N GLU B 57 21.31 8.27 -9.39
CA GLU B 57 21.42 8.13 -10.85
C GLU B 57 20.08 7.89 -11.56
N GLU B 58 19.24 7.05 -10.98
CA GLU B 58 17.89 6.78 -11.50
C GLU B 58 17.01 8.03 -11.61
N SER B 59 17.25 8.99 -10.71
CA SER B 59 16.41 10.17 -10.64
C SER B 59 17.13 11.45 -11.01
N LYS B 60 18.27 11.34 -11.71
CA LYS B 60 19.09 12.50 -12.07
C LYS B 60 18.37 13.53 -12.94
N ASP B 61 17.33 13.09 -13.64
CA ASP B 61 16.59 13.97 -14.53
C ASP B 61 15.41 14.63 -13.84
N TYR B 62 15.33 14.46 -12.52
CA TYR B 62 14.14 14.90 -11.76
C TYR B 62 14.50 15.71 -10.53
N LEU B 63 13.57 16.55 -10.07
CA LEU B 63 13.60 17.02 -8.69
C LEU B 63 13.01 15.94 -7.80
N SER B 64 13.69 15.63 -6.69
CA SER B 64 13.15 14.74 -5.66
C SER B 64 12.64 15.61 -4.52
N LEU B 65 11.46 15.31 -3.99
CA LEU B 65 10.85 16.18 -2.97
C LEU B 65 10.30 15.29 -1.84
N TYR B 66 10.70 15.57 -0.61
CA TYR B 66 10.26 14.78 0.54
C TYR B 66 9.76 15.64 1.69
N LEU B 67 8.88 15.07 2.51
CA LEU B 67 8.45 15.71 3.74
C LEU B 67 9.22 15.02 4.85
N LEU B 68 9.84 15.82 5.72
CA LEU B 68 10.63 15.28 6.84
C LEU B 68 10.01 15.65 8.20
N LEU B 69 9.88 14.65 9.09
CA LEU B 69 9.44 14.91 10.46
C LEU B 69 10.71 15.22 11.26
N VAL B 70 10.87 16.48 11.65
CA VAL B 70 12.08 16.94 12.30
C VAL B 70 12.04 16.66 13.80
N SER B 71 10.89 16.91 14.42
CA SER B 71 10.72 16.81 15.88
C SER B 71 9.37 16.25 16.21
N CYS B 72 9.32 15.34 17.19
CA CYS B 72 8.07 14.65 17.51
C CYS B 72 8.12 14.03 18.92
N LYS B 74 6.36 12.20 20.62
CA LYS B 74 5.73 10.89 20.41
C LYS B 74 6.61 9.87 19.64
N SER B 75 6.30 8.59 19.80
CA SER B 75 7.03 7.48 19.14
C SER B 75 6.88 7.45 17.64
N GLU B 76 5.69 7.79 17.16
CA GLU B 76 5.45 7.83 15.72
C GLU B 76 4.24 8.67 15.45
N VAL B 77 4.13 9.17 14.22
CA VAL B 77 2.86 9.75 13.76
C VAL B 77 2.56 9.29 12.35
N ARG B 78 1.28 9.12 12.05
N ARG B 78 1.29 9.04 12.06
CA ARG B 78 0.86 8.71 10.71
CA ARG B 78 0.91 8.71 10.69
C ARG B 78 0.23 9.88 9.96
C ARG B 78 0.35 9.96 10.02
N ALA B 79 0.80 10.20 8.80
CA ALA B 79 0.40 11.38 8.03
C ALA B 79 0.27 11.10 6.55
N LYS B 80 -0.77 11.66 5.94
CA LYS B 80 -0.90 11.74 4.48
C LYS B 80 -0.39 13.09 4.03
N PHE B 81 0.11 13.16 2.80
CA PHE B 81 0.62 14.43 2.31
C PHE B 81 0.40 14.54 0.80
N LYS B 82 0.40 15.79 0.33
CA LYS B 82 0.27 16.10 -1.08
C LYS B 82 1.21 17.28 -1.35
N PHE B 83 1.97 17.19 -2.44
CA PHE B 83 2.81 18.32 -2.85
C PHE B 83 2.34 18.80 -4.20
N SER B 84 2.42 20.12 -4.44
CA SER B 84 2.11 20.65 -5.75
C SER B 84 2.98 21.85 -6.04
N ILE B 85 2.93 22.32 -7.29
CA ILE B 85 3.69 23.51 -7.69
C ILE B 85 2.68 24.59 -7.97
N LEU B 86 2.90 25.79 -7.43
CA LEU B 86 2.01 26.89 -7.73
C LEU B 86 2.43 27.63 -8.97
N ASN B 87 1.47 27.96 -9.83
CA ASN B 87 1.77 28.82 -10.99
C ASN B 87 1.69 30.30 -10.60
N ALA B 88 1.86 31.21 -11.56
CA ALA B 88 1.89 32.65 -11.27
C ALA B 88 0.55 33.21 -10.73
N LYS B 89 -0.53 32.46 -10.92
CA LYS B 89 -1.85 32.83 -10.39
C LYS B 89 -2.11 32.15 -9.05
N GLY B 90 -1.13 31.42 -8.55
CA GLY B 90 -1.30 30.71 -7.27
C GLY B 90 -2.08 29.41 -7.37
N GLU B 91 -2.36 28.97 -8.60
CA GLU B 91 -3.09 27.71 -8.81
C GLU B 91 -2.15 26.54 -8.64
N GLU B 92 -2.65 25.46 -8.03
CA GLU B 92 -1.87 24.25 -7.86
C GLU B 92 -1.84 23.49 -9.17
N THR B 93 -0.66 22.99 -9.51
CA THR B 93 -0.48 22.19 -10.71
C THR B 93 0.49 21.08 -10.36
N LYS B 94 0.50 20.03 -11.19
CA LYS B 94 1.46 18.94 -11.07
C LYS B 94 1.50 18.30 -9.68
N ALA B 95 0.34 18.04 -9.08
CA ALA B 95 0.32 17.54 -7.70
C ALA B 95 0.62 16.05 -7.65
N MET B 96 1.30 15.63 -6.58
CA MET B 96 1.41 14.20 -6.27
C MET B 96 0.97 13.99 -4.82
N GLU B 97 0.27 12.89 -4.58
CA GLU B 97 -0.22 12.66 -3.22
C GLU B 97 0.04 11.25 -2.75
N SER B 98 0.22 11.11 -1.43
CA SER B 98 0.44 9.80 -0.86
C SER B 98 -0.90 9.05 -0.97
N GLN B 99 -0.90 7.77 -1.24
CA GLN B 99 -2.25 7.16 -1.45
C GLN B 99 -2.88 6.67 -0.13
N ARG B 100 -2.09 6.79 0.92
CA ARG B 100 -2.44 6.42 2.26
C ARG B 100 -1.56 7.24 3.20
N ALA B 101 -1.79 7.10 4.50
CA ALA B 101 -0.90 7.67 5.51
C ALA B 101 0.36 6.86 5.61
N TYR B 102 1.46 7.54 5.87
CA TYR B 102 2.77 6.94 6.09
C TYR B 102 3.23 7.14 7.52
N ARG B 103 3.97 6.16 8.04
CA ARG B 103 4.49 6.22 9.41
C ARG B 103 5.79 7.00 9.48
N PHE B 104 5.74 8.14 10.16
CA PHE B 104 6.92 8.99 10.40
C PHE B 104 7.38 8.81 11.83
N VAL B 105 8.70 8.81 12.02
CA VAL B 105 9.27 8.90 13.36
C VAL B 105 10.21 10.10 13.24
N GLN B 106 10.68 10.61 14.38
CA GLN B 106 11.58 11.74 14.35
C GLN B 106 12.74 11.41 13.41
N GLY B 107 12.93 12.25 12.40
CA GLY B 107 14.02 12.13 11.44
C GLY B 107 13.73 11.31 10.18
N LYS B 108 12.48 10.88 10.01
CA LYS B 108 12.09 10.02 8.90
C LYS B 108 11.45 10.92 7.85
N ASP B 109 11.76 10.65 6.58
CA ASP B 109 11.07 11.30 5.47
C ASP B 109 10.31 10.33 4.58
N TRP B 110 9.36 10.89 3.84
CA TRP B 110 8.62 10.18 2.81
C TRP B 110 8.34 11.18 1.72
N GLY B 111 8.31 10.72 0.48
CA GLY B 111 8.06 11.66 -0.65
C GLY B 111 8.24 11.01 -1.99
N PHE B 112 8.60 11.82 -2.97
CA PHE B 112 8.62 11.42 -4.37
C PHE B 112 10.00 11.68 -4.96
N LYS B 113 10.67 10.59 -5.31
CA LYS B 113 12.00 10.65 -5.89
C LYS B 113 11.96 11.30 -7.26
N LYS B 114 10.86 11.11 -7.97
CA LYS B 114 10.73 11.62 -9.33
C LYS B 114 9.52 12.57 -9.39
N PHE B 115 9.61 13.66 -8.64
CA PHE B 115 8.49 14.55 -8.49
C PHE B 115 8.16 15.33 -9.77
N ILE B 116 9.18 15.87 -10.41
CA ILE B 116 8.95 16.60 -11.67
C ILE B 116 10.22 16.62 -12.50
N ARG B 117 10.08 16.52 -13.80
CA ARG B 117 11.21 16.47 -14.73
C ARG B 117 11.89 17.81 -14.77
N ARG B 118 13.20 17.85 -14.55
CA ARG B 118 13.97 19.11 -14.68
C ARG B 118 13.79 19.78 -16.05
N GLY B 119 13.76 19.00 -17.11
CA GLY B 119 13.69 19.57 -18.47
C GLY B 119 12.35 20.22 -18.77
N PHE B 120 11.34 19.89 -17.96
CA PHE B 120 10.04 20.55 -18.02
C PHE B 120 10.06 21.81 -17.14
N LEU B 121 10.47 21.64 -15.90
CA LEU B 121 10.38 22.71 -14.92
C LEU B 121 11.24 23.92 -15.33
N LEU B 122 12.44 23.65 -15.83
CA LEU B 122 13.39 24.73 -16.13
C LEU B 122 13.11 25.46 -17.43
N ASP B 123 12.16 24.98 -18.24
CA ASP B 123 11.78 25.73 -19.44
C ASP B 123 10.74 26.77 -19.04
N GLU B 124 11.15 28.05 -19.00
CA GLU B 124 10.32 29.09 -18.42
C GLU B 124 8.98 29.32 -19.11
N ALA B 125 8.92 28.99 -20.41
CA ALA B 125 7.66 29.03 -21.17
C ALA B 125 6.53 28.17 -20.57
N ASN B 126 6.89 27.12 -19.82
CA ASN B 126 5.89 26.31 -19.14
C ASN B 126 5.24 27.02 -17.94
N GLY B 127 5.81 28.17 -17.57
CA GLY B 127 5.19 29.05 -16.58
C GLY B 127 5.28 28.64 -15.13
N LEU B 128 6.27 27.81 -14.78
CA LEU B 128 6.35 27.38 -13.38
C LEU B 128 7.50 28.00 -12.62
N LEU B 129 8.27 28.87 -13.29
CA LEU B 129 9.33 29.65 -12.60
C LEU B 129 9.19 31.17 -12.85
N PRO B 130 8.05 31.76 -12.46
CA PRO B 130 7.93 33.20 -12.74
C PRO B 130 8.92 33.97 -11.87
N ASP B 131 9.66 34.88 -12.51
CA ASP B 131 10.71 35.65 -11.85
C ASP B 131 11.78 34.73 -11.26
N ASP B 132 11.94 33.54 -11.87
CA ASP B 132 12.92 32.53 -11.49
C ASP B 132 12.67 31.97 -10.08
N LYS B 133 11.42 31.96 -9.64
CA LYS B 133 11.11 31.42 -8.31
C LYS B 133 10.29 30.15 -8.46
N LEU B 134 10.65 29.13 -7.71
CA LEU B 134 9.86 27.89 -7.65
C LEU B 134 9.02 27.96 -6.40
N THR B 135 7.71 27.87 -6.54
CA THR B 135 6.86 27.85 -5.36
C THR B 135 6.21 26.48 -5.18
N LEU B 136 6.58 25.80 -4.11
CA LEU B 136 6.02 24.47 -3.78
C LEU B 136 4.98 24.62 -2.68
N PHE B 137 3.95 23.77 -2.68
CA PHE B 137 2.90 23.84 -1.68
C PHE B 137 2.68 22.43 -1.14
N CYS B 138 2.73 22.28 0.18
CA CYS B 138 2.62 20.94 0.81
C CYS B 138 1.39 21.01 1.72
N GLU B 139 0.54 19.98 1.64
CA GLU B 139 -0.61 19.84 2.54
C GLU B 139 -0.43 18.55 3.26
N VAL B 140 -0.59 18.59 4.58
CA VAL B 140 -0.36 17.40 5.42
C VAL B 140 -1.59 17.16 6.27
N SER B 141 -1.98 15.89 6.41
CA SER B 141 -3.07 15.54 7.31
CA SER B 141 -3.06 15.56 7.31
C SER B 141 -2.63 14.44 8.24
N VAL B 142 -2.75 14.70 9.54
CA VAL B 142 -2.46 13.70 10.55
C VAL B 142 -3.77 13.25 11.16
N VAL B 143 -4.03 11.92 11.20
CA VAL B 143 -5.22 11.37 11.83
C VAL B 143 -4.86 10.24 12.79
N CYS C 5 -18.94 -19.26 -9.48
CA CYS C 5 -18.12 -19.50 -8.24
C CYS C 5 -16.65 -19.13 -8.37
N ASP C 6 -16.14 -19.03 -9.60
CA ASP C 6 -14.69 -18.76 -9.81
C ASP C 6 -14.28 -17.32 -10.10
N GLU C 7 -15.21 -16.39 -9.99
CA GLU C 7 -14.94 -14.98 -10.16
C GLU C 7 -14.08 -14.46 -9.01
N VAL C 8 -13.09 -13.65 -9.34
CA VAL C 8 -12.30 -12.96 -8.32
C VAL C 8 -12.97 -11.63 -7.99
N THR C 9 -13.15 -11.39 -6.70
CA THR C 9 -13.69 -10.12 -6.22
C THR C 9 -12.91 -9.68 -4.96
N SER C 10 -13.23 -8.48 -4.52
CA SER C 10 -12.65 -7.89 -3.34
C SER C 10 -13.81 -7.52 -2.44
N THR C 11 -13.56 -7.50 -1.13
CA THR C 11 -14.54 -7.04 -0.17
C THR C 11 -14.68 -5.53 -0.16
N THR C 12 -13.77 -4.83 -0.80
CA THR C 12 -13.88 -3.38 -0.99
C THR C 12 -13.79 -3.02 -2.49
N ASP D 6 4.81 8.37 -9.41
CA ASP D 6 3.90 8.68 -8.25
C ASP D 6 4.08 7.72 -7.05
N GLU D 7 5.13 6.89 -7.11
CA GLU D 7 5.49 6.03 -6.00
C GLU D 7 6.01 6.86 -4.82
N VAL D 8 5.52 6.56 -3.62
CA VAL D 8 6.06 7.14 -2.40
C VAL D 8 7.23 6.30 -1.90
N THR D 9 8.35 6.96 -1.62
CA THR D 9 9.52 6.30 -1.08
C THR D 9 10.12 7.14 0.05
N SER D 10 11.08 6.55 0.75
CA SER D 10 11.83 7.27 1.75
C SER D 10 13.30 7.24 1.37
N THR D 11 14.07 8.23 1.84
CA THR D 11 15.52 8.22 1.64
C THR D 11 16.24 7.26 2.59
N THR D 12 15.50 6.71 3.55
CA THR D 12 16.02 5.66 4.45
C THR D 12 15.11 4.42 4.46
#